data_7RCA
#
_entry.id   7RCA
#
_cell.length_a   94.086
_cell.length_b   94.086
_cell.length_c   84.618
_cell.angle_alpha   90.000
_cell.angle_beta   90.000
_cell.angle_gamma   90.000
#
_symmetry.space_group_name_H-M   'P 42 21 2'
#
loop_
_entity.id
_entity.type
_entity.pdbx_description
1 polymer 'Chorismate synthase'
2 non-polymer 'SULFATE ION'
3 non-polymer 'CHLORIDE ION'
4 water water
#
_entity_poly.entity_id   1
_entity_poly.type   'polypeptide(L)'
_entity_poly.pdbx_seq_one_letter_code
;QGMSTFGSVFRVTTYGESHCKSVGCIVDGCPPGLELTEADIQPQLSRRRPGQSALSTPRNEKDQVQIQSGTEHGKTLGSP
IGMMVMNQDHRPGDYSETDLYPRPSHADWTYMQKYGVKSASGGGRSSARETIGRVAAGAIAEKILKKANNVEIVAFVSSI
GEVSMDRNPQDAKFQQLLNTITREEVDSVGPIRCPDPEVREQMVKVIEKYRDAKDSIGGVVTCVIRNCPVGLGEPCFDKL
EATLAHAMMSLPATKGFEFGSGFAGTRIPGSKHNDPFYFSEEDQRLRTKTNNSGGVQGGISNGENIYFSVAFKSAATISQ
EQETSTYDGKDGVLAARGRHDPSVTPRAVPIVESMAALVLVDQLLIQKSREYGKSIVA
;
_entity_poly.pdbx_strand_id   A
#
loop_
_chem_comp.id
_chem_comp.type
_chem_comp.name
_chem_comp.formula
CL non-polymer 'CHLORIDE ION' 'Cl -1'
SO4 non-polymer 'SULFATE ION' 'O4 S -2'
#
# COMPACT_ATOMS: atom_id res chain seq x y z
N GLN A 1 9.96 -7.24 12.53
CA GLN A 1 8.64 -7.72 12.16
C GLN A 1 8.41 -9.14 12.63
N GLY A 2 7.14 -9.51 12.80
CA GLY A 2 6.77 -10.84 13.22
C GLY A 2 5.34 -11.19 12.90
N MET A 3 5.14 -12.07 11.90
CA MET A 3 3.83 -12.61 11.57
C MET A 3 2.85 -11.49 11.21
N SER A 4 1.88 -11.23 12.08
CA SER A 4 0.89 -10.18 11.83
C SER A 4 1.20 -8.90 12.61
N THR A 5 2.46 -8.68 12.98
CA THR A 5 2.90 -7.44 13.59
C THR A 5 3.88 -6.75 12.65
N PHE A 6 3.65 -5.46 12.41
CA PHE A 6 4.50 -4.66 11.54
C PHE A 6 5.00 -3.44 12.31
N GLY A 7 6.29 -3.18 12.22
CA GLY A 7 6.89 -2.03 12.86
C GLY A 7 7.78 -2.40 14.03
N SER A 8 8.60 -1.44 14.43
CA SER A 8 9.55 -1.61 15.53
C SER A 8 9.19 -0.75 16.74
N VAL A 9 9.12 0.56 16.57
CA VAL A 9 8.71 1.46 17.64
C VAL A 9 7.26 1.88 17.51
N PHE A 10 6.84 2.22 16.29
CA PHE A 10 5.42 2.41 15.96
C PHE A 10 4.94 1.08 15.39
N ARG A 11 4.29 0.29 16.24
CA ARG A 11 3.93 -1.08 15.90
C ARG A 11 2.42 -1.20 15.72
N VAL A 12 2.02 -2.07 14.78
CA VAL A 12 0.62 -2.37 14.53
C VAL A 12 0.49 -3.88 14.39
N THR A 13 -0.34 -4.48 15.24
CA THR A 13 -0.67 -5.89 15.19
C THR A 13 -2.12 -6.01 14.72
N THR A 14 -2.33 -6.68 13.60
CA THR A 14 -3.66 -6.76 13.00
C THR A 14 -4.27 -8.15 13.23
N TYR A 15 -5.56 -8.25 12.91
CA TYR A 15 -6.30 -9.49 13.09
C TYR A 15 -7.55 -9.43 12.23
N GLY A 16 -8.12 -10.60 11.97
CA GLY A 16 -9.44 -10.62 11.38
C GLY A 16 -9.48 -11.22 9.98
N GLU A 17 -10.52 -12.02 9.73
CA GLU A 17 -10.87 -12.54 8.43
C GLU A 17 -12.17 -11.90 7.97
N SER A 18 -12.80 -12.50 6.97
CA SER A 18 -14.07 -11.98 6.46
C SER A 18 -15.25 -12.59 7.19
N HIS A 19 -15.27 -13.91 7.35
CA HIS A 19 -16.38 -14.62 7.97
C HIS A 19 -16.21 -14.80 9.48
N CYS A 20 -15.52 -13.87 10.14
CA CYS A 20 -15.42 -13.88 11.59
C CYS A 20 -16.30 -12.76 12.16
N LYS A 21 -16.03 -12.35 13.39
CA LYS A 21 -16.87 -11.36 14.03
C LYS A 21 -16.45 -9.93 13.70
N SER A 22 -15.15 -9.64 13.78
CA SER A 22 -14.68 -8.29 13.49
C SER A 22 -13.28 -8.38 12.90
N VAL A 23 -12.84 -7.25 12.36
CA VAL A 23 -11.49 -7.11 11.81
C VAL A 23 -10.94 -5.78 12.31
N GLY A 24 -9.66 -5.76 12.64
CA GLY A 24 -9.04 -4.55 13.16
C GLY A 24 -7.57 -4.70 13.48
N CYS A 25 -7.10 -3.94 14.47
CA CYS A 25 -5.68 -3.89 14.76
C CYS A 25 -5.47 -3.26 16.13
N ILE A 26 -4.23 -3.31 16.59
CA ILE A 26 -3.80 -2.63 17.81
C ILE A 26 -2.55 -1.84 17.46
N VAL A 27 -2.65 -0.50 17.57
CA VAL A 27 -1.51 0.36 17.29
C VAL A 27 -0.79 0.64 18.59
N ASP A 28 0.47 0.21 18.68
CA ASP A 28 1.29 0.37 19.86
C ASP A 28 2.41 1.35 19.56
N GLY A 29 2.60 2.32 20.45
CA GLY A 29 3.66 3.29 20.32
C GLY A 29 3.29 4.63 19.71
N CYS A 30 2.00 4.94 19.63
CA CYS A 30 1.61 6.23 19.08
C CYS A 30 1.96 7.34 20.07
N PRO A 31 2.50 8.46 19.60
CA PRO A 31 2.86 9.55 20.52
C PRO A 31 1.63 10.08 21.23
N PRO A 32 1.75 10.40 22.51
CA PRO A 32 0.60 10.91 23.27
C PRO A 32 0.28 12.35 22.88
N GLY A 33 -0.98 12.72 23.09
CA GLY A 33 -1.42 14.08 22.84
C GLY A 33 -1.80 14.38 21.41
N LEU A 34 -1.90 13.37 20.56
CA LEU A 34 -2.31 13.56 19.17
C LEU A 34 -3.84 13.58 19.08
N GLU A 35 -4.37 14.62 18.45
CA GLU A 35 -5.80 14.68 18.17
C GLU A 35 -6.21 13.51 17.30
N LEU A 36 -7.02 12.60 17.84
CA LEU A 36 -7.34 11.37 17.12
C LEU A 36 -8.77 10.94 17.48
N THR A 37 -9.64 10.95 16.47
CA THR A 37 -10.97 10.35 16.56
C THR A 37 -11.19 9.51 15.30
N GLU A 38 -12.37 8.92 15.20
CA GLU A 38 -12.67 8.09 14.03
C GLU A 38 -12.71 8.91 12.74
N ALA A 39 -12.86 10.23 12.84
CA ALA A 39 -12.84 11.08 11.65
C ALA A 39 -11.47 11.16 10.99
N ASP A 40 -10.40 10.88 11.73
CA ASP A 40 -9.06 10.83 11.17
C ASP A 40 -8.76 9.52 10.46
N ILE A 41 -9.68 8.55 10.51
CA ILE A 41 -9.37 7.17 10.14
C ILE A 41 -10.36 6.68 9.10
N GLN A 42 -11.60 7.16 9.18
CA GLN A 42 -12.62 6.73 8.22
C GLN A 42 -12.33 7.13 6.78
N PRO A 43 -11.85 8.36 6.47
CA PRO A 43 -11.66 8.71 5.04
C PRO A 43 -10.82 7.73 4.24
N GLN A 44 -9.67 7.31 4.77
CA GLN A 44 -8.86 6.33 4.05
C GLN A 44 -9.58 4.98 3.99
N LEU A 45 -10.25 4.60 5.07
CA LEU A 45 -11.04 3.37 5.05
C LEU A 45 -12.21 3.49 4.09
N SER A 46 -12.89 4.63 4.08
CA SER A 46 -13.96 4.88 3.14
C SER A 46 -13.47 5.04 1.71
N ARG A 47 -12.16 4.98 1.48
CA ARG A 47 -11.59 4.97 0.14
C ARG A 47 -11.20 3.57 -0.32
N ARG A 48 -11.45 2.56 0.52
CA ARG A 48 -11.00 1.19 0.24
C ARG A 48 -11.90 0.49 -0.77
N ARG A 49 -13.21 0.75 -0.70
CA ARG A 49 -14.19 0.09 -1.56
C ARG A 49 -14.70 0.92 -2.74
N PRO A 50 -14.61 2.28 -2.73
CA PRO A 50 -15.06 3.02 -3.93
C PRO A 50 -14.49 2.52 -5.26
N ASN A 60 -26.60 1.92 4.49
CA ASN A 60 -25.74 2.21 5.63
C ASN A 60 -24.26 2.28 5.24
N GLU A 61 -23.52 3.14 5.93
CA GLU A 61 -22.06 3.11 5.88
C GLU A 61 -21.58 1.90 6.68
N LYS A 62 -21.15 0.85 5.99
CA LYS A 62 -20.90 -0.42 6.66
C LYS A 62 -19.56 -0.42 7.39
N ASP A 63 -18.46 -0.21 6.65
CA ASP A 63 -17.12 -0.34 7.22
C ASP A 63 -16.77 0.93 7.99
N GLN A 64 -17.23 0.98 9.25
CA GLN A 64 -16.98 2.09 10.14
C GLN A 64 -16.09 1.64 11.29
N VAL A 65 -15.00 2.38 11.51
CA VAL A 65 -14.10 2.07 12.62
C VAL A 65 -14.69 2.56 13.93
N GLN A 66 -14.18 1.99 15.02
CA GLN A 66 -14.58 2.38 16.36
CA GLN A 66 -14.58 2.39 16.36
C GLN A 66 -13.36 2.23 17.25
N ILE A 67 -12.80 3.35 17.72
CA ILE A 67 -11.62 3.31 18.56
C ILE A 67 -11.97 2.67 19.90
N GLN A 68 -11.18 1.67 20.30
CA GLN A 68 -11.47 0.90 21.50
C GLN A 68 -10.69 1.36 22.72
N SER A 69 -9.53 2.00 22.53
CA SER A 69 -8.67 2.36 23.65
C SER A 69 -7.62 3.36 23.17
N GLY A 70 -6.75 3.75 24.09
CA GLY A 70 -5.62 4.60 23.77
C GLY A 70 -5.95 6.05 23.56
N THR A 71 -7.21 6.45 23.68
CA THR A 71 -7.63 7.83 23.49
C THR A 71 -8.54 8.25 24.63
N GLU A 72 -8.56 9.57 24.88
CA GLU A 72 -9.48 10.15 25.85
C GLU A 72 -9.68 11.61 25.47
N HIS A 73 -10.95 12.02 25.33
CA HIS A 73 -11.29 13.37 24.91
C HIS A 73 -10.68 13.72 23.56
N GLY A 74 -10.65 12.74 22.65
CA GLY A 74 -10.15 12.97 21.31
C GLY A 74 -8.65 13.08 21.19
N LYS A 75 -7.91 12.75 22.25
CA LYS A 75 -6.45 12.80 22.23
C LYS A 75 -5.89 11.45 22.67
N THR A 76 -4.74 11.09 22.10
CA THR A 76 -4.09 9.84 22.44
C THR A 76 -3.41 9.93 23.80
N LEU A 77 -3.38 8.80 24.51
CA LEU A 77 -2.74 8.72 25.81
C LEU A 77 -1.31 8.19 25.74
N GLY A 78 -0.94 7.50 24.66
CA GLY A 78 0.32 6.80 24.57
C GLY A 78 0.21 5.31 24.78
N SER A 79 -0.94 4.82 25.21
CA SER A 79 -1.21 3.40 25.39
C SER A 79 -1.70 2.81 24.08
N PRO A 80 -1.73 1.47 23.97
CA PRO A 80 -2.19 0.85 22.73
C PRO A 80 -3.57 1.34 22.30
N ILE A 81 -3.76 1.41 20.98
CA ILE A 81 -4.97 1.94 20.37
C ILE A 81 -5.62 0.80 19.59
N GLY A 82 -6.68 0.21 20.14
CA GLY A 82 -7.45 -0.81 19.43
C GLY A 82 -8.51 -0.16 18.55
N MET A 83 -8.70 -0.72 17.35
CA MET A 83 -9.62 -0.18 16.36
C MET A 83 -10.27 -1.35 15.63
N MET A 84 -11.54 -1.19 15.24
CA MET A 84 -12.20 -2.33 14.61
C MET A 84 -13.24 -1.85 13.61
N VAL A 85 -13.46 -2.68 12.60
CA VAL A 85 -14.64 -2.64 11.72
C VAL A 85 -15.39 -3.95 11.95
N MET A 86 -16.67 -3.84 12.29
CA MET A 86 -17.49 -5.03 12.48
C MET A 86 -17.70 -5.75 11.16
N ASN A 87 -17.71 -7.09 11.21
CA ASN A 87 -17.90 -7.91 10.02
C ASN A 87 -19.40 -8.12 9.80
N GLN A 88 -19.92 -7.54 8.72
CA GLN A 88 -21.33 -7.74 8.40
C GLN A 88 -21.59 -9.16 7.92
N ASP A 89 -20.62 -9.77 7.24
CA ASP A 89 -20.76 -11.09 6.64
C ASP A 89 -21.32 -12.14 7.61
N SER A 96 -21.60 -27.32 -4.21
CA SER A 96 -21.29 -28.08 -5.41
C SER A 96 -19.83 -27.91 -5.81
N GLU A 97 -19.30 -26.70 -5.62
CA GLU A 97 -17.93 -26.38 -5.96
C GLU A 97 -17.07 -26.00 -4.77
N THR A 98 -17.65 -25.56 -3.67
CA THR A 98 -16.86 -25.17 -2.51
C THR A 98 -16.15 -26.38 -1.92
N ASP A 99 -14.85 -26.22 -1.68
CA ASP A 99 -13.99 -27.27 -1.11
C ASP A 99 -13.94 -28.53 -1.98
N LEU A 100 -14.32 -28.43 -3.25
CA LEU A 100 -14.03 -29.53 -4.17
C LEU A 100 -12.69 -29.31 -4.86
N TYR A 101 -12.50 -28.13 -5.46
CA TYR A 101 -11.22 -27.74 -6.02
C TYR A 101 -10.64 -26.57 -5.23
N PRO A 102 -9.33 -26.53 -5.04
CA PRO A 102 -8.69 -25.27 -4.63
C PRO A 102 -8.68 -24.31 -5.81
N ARG A 103 -9.18 -23.09 -5.60
CA ARG A 103 -9.29 -22.13 -6.68
C ARG A 103 -7.89 -21.81 -7.22
N PRO A 104 -7.67 -21.90 -8.53
CA PRO A 104 -6.33 -21.67 -9.08
C PRO A 104 -5.81 -20.29 -8.74
N SER A 105 -4.53 -20.22 -8.39
CA SER A 105 -3.83 -18.97 -8.05
C SER A 105 -4.42 -18.31 -6.80
N HIS A 106 -5.17 -19.06 -6.00
CA HIS A 106 -5.63 -18.60 -4.70
C HIS A 106 -4.86 -19.34 -3.60
N ALA A 107 -5.02 -18.87 -2.37
CA ALA A 107 -4.31 -19.43 -1.24
C ALA A 107 -5.06 -20.57 -0.57
N ASP A 108 -6.01 -21.20 -1.27
CA ASP A 108 -6.77 -22.29 -0.69
C ASP A 108 -5.88 -23.49 -0.41
N TRP A 109 -5.07 -23.89 -1.38
CA TRP A 109 -4.26 -25.11 -1.23
C TRP A 109 -3.12 -24.90 -0.24
N THR A 110 -2.44 -23.75 -0.32
CA THR A 110 -1.32 -23.50 0.59
C THR A 110 -1.78 -23.40 2.03
N TYR A 111 -2.99 -22.90 2.27
CA TYR A 111 -3.52 -22.85 3.63
C TYR A 111 -3.80 -24.26 4.15
N MET A 112 -4.35 -25.14 3.31
CA MET A 112 -4.58 -26.51 3.73
C MET A 112 -3.28 -27.27 3.96
N GLN A 113 -2.20 -26.85 3.31
CA GLN A 113 -0.91 -27.51 3.51
C GLN A 113 -0.19 -26.96 4.73
N LYS A 114 -0.25 -25.64 4.94
CA LYS A 114 0.45 -25.02 6.06
C LYS A 114 -0.33 -25.17 7.36
N TYR A 115 -1.64 -24.93 7.34
CA TYR A 115 -2.46 -24.97 8.54
C TYR A 115 -3.29 -26.24 8.67
N GLY A 116 -3.44 -27.01 7.61
CA GLY A 116 -4.33 -28.15 7.62
C GLY A 116 -5.81 -27.80 7.56
N VAL A 117 -6.15 -26.52 7.39
CA VAL A 117 -7.53 -26.08 7.37
C VAL A 117 -7.57 -24.69 6.78
N LYS A 118 -8.63 -24.40 6.01
CA LYS A 118 -8.90 -23.08 5.48
C LYS A 118 -10.29 -22.65 5.90
N SER A 119 -10.59 -21.37 5.71
CA SER A 119 -11.95 -20.90 5.90
C SER A 119 -12.89 -21.60 4.92
N ALA A 120 -14.12 -21.83 5.36
CA ALA A 120 -15.09 -22.57 4.56
C ALA A 120 -15.25 -21.96 3.17
N SER A 121 -15.15 -20.64 3.06
CA SER A 121 -15.19 -19.97 1.77
C SER A 121 -14.58 -18.58 1.93
N GLY A 122 -14.33 -17.93 0.79
CA GLY A 122 -13.86 -16.56 0.78
C GLY A 122 -12.38 -16.38 0.97
N GLY A 123 -11.62 -17.45 1.22
CA GLY A 123 -10.19 -17.35 1.41
C GLY A 123 -9.74 -16.91 2.80
N GLY A 124 -10.60 -16.23 3.54
CA GLY A 124 -10.29 -15.88 4.92
C GLY A 124 -9.18 -14.85 5.07
N ARG A 125 -8.13 -15.23 5.81
CA ARG A 125 -7.07 -14.29 6.14
C ARG A 125 -6.28 -13.85 4.91
N SER A 126 -6.24 -14.68 3.87
CA SER A 126 -5.48 -14.33 2.68
C SER A 126 -6.18 -13.29 1.81
N SER A 127 -7.46 -13.03 2.04
CA SER A 127 -8.23 -12.12 1.20
C SER A 127 -7.86 -10.67 1.49
N ALA A 128 -8.68 -9.73 1.02
CA ALA A 128 -8.40 -8.31 1.14
C ALA A 128 -8.97 -7.69 2.41
N ARG A 129 -9.82 -8.41 3.15
CA ARG A 129 -10.42 -7.83 4.35
C ARG A 129 -9.39 -7.56 5.43
N GLU A 130 -8.29 -8.33 5.45
CA GLU A 130 -7.25 -8.11 6.45
C GLU A 130 -6.65 -6.71 6.36
N THR A 131 -6.67 -6.10 5.17
CA THR A 131 -6.03 -4.81 4.98
C THR A 131 -6.73 -3.68 5.70
N ILE A 132 -7.88 -3.95 6.33
CA ILE A 132 -8.56 -2.92 7.11
C ILE A 132 -7.70 -2.48 8.28
N GLY A 133 -7.04 -3.43 8.96
CA GLY A 133 -6.11 -3.07 10.01
C GLY A 133 -4.94 -2.25 9.51
N ARG A 134 -4.48 -2.52 8.29
CA ARG A 134 -3.41 -1.73 7.70
C ARG A 134 -3.84 -0.28 7.51
N VAL A 135 -5.01 -0.08 6.89
CA VAL A 135 -5.48 1.27 6.58
C VAL A 135 -5.81 2.03 7.86
N ALA A 136 -6.46 1.36 8.82
CA ALA A 136 -6.79 2.03 10.07
C ALA A 136 -5.53 2.52 10.79
N ALA A 137 -4.49 1.69 10.82
CA ALA A 137 -3.25 2.10 11.47
C ALA A 137 -2.51 3.15 10.64
N GLY A 138 -2.54 3.00 9.31
CA GLY A 138 -1.86 3.97 8.46
C GLY A 138 -2.42 5.37 8.57
N ALA A 139 -3.70 5.49 8.92
CA ALA A 139 -4.30 6.81 9.08
C ALA A 139 -3.69 7.56 10.26
N ILE A 140 -3.38 6.85 11.35
CA ILE A 140 -2.70 7.48 12.48
C ILE A 140 -1.28 7.88 12.08
N ALA A 141 -0.57 6.99 11.37
CA ALA A 141 0.77 7.31 10.92
C ALA A 141 0.79 8.50 9.98
N GLU A 142 -0.21 8.58 9.10
CA GLU A 142 -0.27 9.69 8.14
C GLU A 142 -0.39 11.02 8.84
N LYS A 143 -1.24 11.11 9.86
CA LYS A 143 -1.43 12.37 10.58
C LYS A 143 -0.16 12.77 11.32
N ILE A 144 0.57 11.79 11.88
CA ILE A 144 1.80 12.11 12.58
C ILE A 144 2.85 12.64 11.61
N LEU A 145 2.97 12.02 10.44
CA LEU A 145 3.95 12.48 9.45
C LEU A 145 3.62 13.87 8.93
N LYS A 146 2.32 14.22 8.88
CA LYS A 146 1.96 15.58 8.48
C LYS A 146 2.40 16.60 9.52
N LYS A 147 2.21 16.28 10.81
CA LYS A 147 2.69 17.17 11.85
C LYS A 147 4.21 17.21 11.90
N ALA A 148 4.87 16.13 11.49
CA ALA A 148 6.33 16.04 11.59
C ALA A 148 7.01 16.97 10.61
N ASN A 149 6.74 16.78 9.30
CA ASN A 149 7.41 17.58 8.28
C ASN A 149 6.49 17.83 7.08
N ASN A 150 5.18 17.82 7.31
CA ASN A 150 4.19 18.00 6.26
C ASN A 150 4.38 16.97 5.15
N VAL A 151 4.56 15.71 5.54
CA VAL A 151 4.76 14.64 4.58
C VAL A 151 3.47 14.40 3.81
N GLU A 152 3.59 14.26 2.48
CA GLU A 152 2.45 14.01 1.61
C GLU A 152 2.65 12.67 0.92
N ILE A 153 1.69 11.77 1.09
CA ILE A 153 1.73 10.44 0.50
C ILE A 153 0.55 10.32 -0.45
N VAL A 154 0.83 10.23 -1.75
CA VAL A 154 -0.21 10.14 -2.77
C VAL A 154 0.11 8.95 -3.68
N ALA A 155 -0.86 8.07 -3.85
CA ALA A 155 -0.74 6.94 -4.76
C ALA A 155 -1.81 7.03 -5.84
N PHE A 156 -1.52 6.39 -6.97
CA PHE A 156 -2.45 6.39 -8.09
C PHE A 156 -2.16 5.18 -8.98
N VAL A 157 -3.15 4.84 -9.79
CA VAL A 157 -2.99 3.75 -10.75
C VAL A 157 -2.30 4.29 -12.00
N SER A 158 -1.16 3.70 -12.34
CA SER A 158 -0.40 4.10 -13.51
C SER A 158 -0.47 3.08 -14.64
N SER A 159 -0.97 1.87 -14.39
CA SER A 159 -1.05 0.86 -15.42
C SER A 159 -2.18 -0.11 -15.10
N ILE A 160 -2.88 -0.53 -16.13
CA ILE A 160 -3.89 -1.59 -16.04
C ILE A 160 -3.73 -2.48 -17.25
N GLY A 161 -3.13 -3.65 -17.07
CA GLY A 161 -2.83 -4.51 -18.21
C GLY A 161 -1.81 -3.87 -19.12
N GLU A 162 -2.12 -3.87 -20.40
CA GLU A 162 -1.25 -3.33 -21.41
C GLU A 162 -1.32 -1.84 -21.47
N VAL A 163 -2.36 -1.28 -20.89
CA VAL A 163 -2.51 0.17 -20.83
C VAL A 163 -1.72 0.69 -19.64
N SER A 164 -0.69 1.48 -19.92
CA SER A 164 0.22 1.95 -18.89
C SER A 164 0.53 3.42 -19.12
N MET A 165 0.70 4.15 -18.01
CA MET A 165 1.16 5.53 -18.07
C MET A 165 2.61 5.57 -18.52
N ASP A 166 3.03 6.75 -18.98
CA ASP A 166 4.44 7.00 -19.28
C ASP A 166 5.13 7.45 -17.99
N ARG A 167 5.45 6.46 -17.16
CA ARG A 167 6.10 6.72 -15.87
C ARG A 167 7.61 6.62 -15.96
N ASN A 168 8.20 7.03 -17.07
CA ASN A 168 9.64 7.09 -17.21
C ASN A 168 10.20 8.05 -16.17
N PRO A 169 11.07 7.60 -15.26
CA PRO A 169 11.56 8.49 -14.19
C PRO A 169 12.34 9.68 -14.70
N GLN A 170 12.89 9.62 -15.90
CA GLN A 170 13.62 10.75 -16.46
C GLN A 170 12.72 11.73 -17.19
N ASP A 171 11.47 11.36 -17.46
CA ASP A 171 10.53 12.26 -18.12
C ASP A 171 10.20 13.43 -17.20
N ALA A 172 10.36 14.65 -17.71
CA ALA A 172 10.12 15.84 -16.89
C ALA A 172 8.65 15.96 -16.51
N LYS A 173 7.74 15.63 -17.43
CA LYS A 173 6.32 15.75 -17.14
C LYS A 173 5.89 14.80 -16.04
N PHE A 174 6.37 13.55 -16.09
CA PHE A 174 6.03 12.59 -15.05
C PHE A 174 6.61 13.00 -13.71
N GLN A 175 7.83 13.53 -13.70
CA GLN A 175 8.43 13.99 -12.45
C GLN A 175 7.68 15.20 -11.90
N GLN A 176 7.17 16.07 -12.78
CA GLN A 176 6.37 17.19 -12.30
C GLN A 176 5.03 16.74 -11.76
N LEU A 177 4.47 15.65 -12.30
CA LEU A 177 3.24 15.10 -11.74
C LEU A 177 3.48 14.56 -10.34
N LEU A 178 4.58 13.81 -10.14
CA LEU A 178 4.89 13.29 -8.82
C LEU A 178 5.08 14.40 -7.81
N ASN A 179 5.55 15.56 -8.25
CA ASN A 179 5.79 16.68 -7.35
C ASN A 179 4.51 17.40 -6.96
N THR A 180 3.43 17.27 -7.73
CA THR A 180 2.23 18.05 -7.52
C THR A 180 0.97 17.23 -7.28
N ILE A 181 0.97 15.93 -7.63
CA ILE A 181 -0.25 15.15 -7.54
C ILE A 181 -0.73 15.08 -6.10
N THR A 182 -2.03 15.29 -5.90
CA THR A 182 -2.64 15.26 -4.58
C THR A 182 -3.68 14.14 -4.52
N ARG A 183 -4.01 13.74 -3.29
CA ARG A 183 -5.02 12.69 -3.11
C ARG A 183 -6.38 13.14 -3.60
N GLU A 184 -6.69 14.44 -3.52
CA GLU A 184 -7.96 14.94 -4.01
C GLU A 184 -8.06 14.84 -5.53
N GLU A 185 -6.96 15.11 -6.23
CA GLU A 185 -6.98 15.03 -7.70
C GLU A 185 -7.11 13.60 -8.18
N VAL A 186 -6.51 12.65 -7.46
CA VAL A 186 -6.55 11.24 -7.88
C VAL A 186 -7.99 10.72 -7.83
N ASP A 187 -8.75 11.10 -6.80
CA ASP A 187 -10.11 10.63 -6.64
C ASP A 187 -11.12 11.43 -7.45
N SER A 188 -10.73 12.57 -8.01
CA SER A 188 -11.66 13.37 -8.82
C SER A 188 -11.86 12.79 -10.20
N VAL A 189 -10.92 11.97 -10.68
CA VAL A 189 -11.02 11.41 -12.03
C VAL A 189 -11.90 10.18 -12.12
N GLY A 190 -12.49 9.76 -11.01
CA GLY A 190 -13.36 8.60 -11.01
C GLY A 190 -12.74 7.42 -10.31
N PRO A 191 -13.34 6.23 -10.46
CA PRO A 191 -12.85 5.06 -9.73
C PRO A 191 -11.58 4.48 -10.31
N ILE A 192 -11.20 4.84 -11.53
CA ILE A 192 -9.97 4.32 -12.12
C ILE A 192 -8.74 4.86 -11.39
N ARG A 193 -8.84 6.08 -10.86
CA ARG A 193 -7.76 6.69 -10.07
C ARG A 193 -6.47 6.79 -10.87
N CYS A 194 -6.60 7.08 -12.17
CA CYS A 194 -5.45 7.36 -13.02
C CYS A 194 -5.45 8.83 -13.39
N PRO A 195 -4.43 9.60 -13.00
CA PRO A 195 -4.44 11.05 -13.27
C PRO A 195 -4.27 11.40 -14.74
N ASP A 196 -3.93 10.45 -15.60
CA ASP A 196 -3.74 10.73 -17.01
C ASP A 196 -5.07 10.60 -17.73
N PRO A 197 -5.61 11.67 -18.32
CA PRO A 197 -6.93 11.55 -18.96
C PRO A 197 -6.91 10.69 -20.21
N GLU A 198 -5.89 10.81 -21.05
CA GLU A 198 -5.80 9.99 -22.25
C GLU A 198 -5.62 8.52 -21.89
N VAL A 199 -4.71 8.23 -20.95
CA VAL A 199 -4.46 6.84 -20.56
C VAL A 199 -5.67 6.26 -19.85
N ARG A 200 -6.33 7.06 -19.01
CA ARG A 200 -7.49 6.56 -18.27
C ARG A 200 -8.60 6.13 -19.21
N GLU A 201 -8.86 6.92 -20.26
CA GLU A 201 -9.88 6.52 -21.24
C GLU A 201 -9.50 5.23 -21.94
N GLN A 202 -8.21 5.02 -22.19
CA GLN A 202 -7.74 3.73 -22.71
CA GLN A 202 -7.78 3.73 -22.71
C GLN A 202 -7.89 2.64 -21.65
N MET A 203 -7.84 3.01 -20.37
CA MET A 203 -8.02 2.05 -19.29
C MET A 203 -9.46 1.60 -19.18
N VAL A 204 -10.41 2.54 -19.20
CA VAL A 204 -11.82 2.20 -19.06
C VAL A 204 -12.30 1.33 -20.21
N LYS A 205 -11.62 1.36 -21.36
CA LYS A 205 -12.00 0.52 -22.48
C LYS A 205 -11.43 -0.89 -22.35
N VAL A 206 -10.33 -1.06 -21.64
CA VAL A 206 -9.75 -2.39 -21.49
C VAL A 206 -10.35 -3.15 -20.30
N ILE A 207 -10.82 -2.42 -19.27
CA ILE A 207 -11.49 -3.09 -18.17
C ILE A 207 -12.89 -3.54 -18.61
N GLU A 208 -13.52 -2.77 -19.50
CA GLU A 208 -14.81 -3.18 -20.04
C GLU A 208 -14.66 -4.38 -20.96
N LYS A 209 -13.57 -4.42 -21.75
CA LYS A 209 -13.33 -5.57 -22.61
C LYS A 209 -13.17 -6.85 -21.80
N TYR A 210 -12.41 -6.78 -20.71
CA TYR A 210 -12.26 -7.96 -19.85
C TYR A 210 -13.50 -8.21 -19.02
N ARG A 211 -14.39 -7.23 -18.89
CA ARG A 211 -15.63 -7.43 -18.15
C ARG A 211 -16.60 -8.32 -18.94
N ASP A 212 -16.80 -8.01 -20.23
CA ASP A 212 -17.63 -8.87 -21.06
C ASP A 212 -17.00 -10.23 -21.24
N ALA A 213 -15.67 -10.29 -21.34
CA ALA A 213 -14.98 -11.56 -21.44
C ALA A 213 -15.04 -12.37 -20.15
N LYS A 214 -15.66 -11.83 -19.10
CA LYS A 214 -15.75 -12.49 -17.79
C LYS A 214 -14.36 -12.87 -17.27
N ASP A 215 -13.42 -11.93 -17.41
CA ASP A 215 -12.03 -12.14 -17.07
C ASP A 215 -11.60 -11.11 -16.01
N SER A 216 -10.31 -11.12 -15.69
CA SER A 216 -9.72 -10.18 -14.76
C SER A 216 -8.39 -9.70 -15.33
N ILE A 217 -7.97 -8.52 -14.89
CA ILE A 217 -6.75 -7.90 -15.39
C ILE A 217 -6.00 -7.28 -14.23
N GLY A 218 -4.66 -7.30 -14.31
CA GLY A 218 -3.82 -6.73 -13.28
C GLY A 218 -3.53 -5.26 -13.54
N GLY A 219 -2.68 -4.70 -12.68
CA GLY A 219 -2.34 -3.30 -12.78
C GLY A 219 -1.11 -2.97 -11.98
N VAL A 220 -0.75 -1.68 -12.01
CA VAL A 220 0.42 -1.17 -11.30
C VAL A 220 0.00 0.12 -10.60
N VAL A 221 0.37 0.24 -9.31
CA VAL A 221 0.10 1.42 -8.51
C VAL A 221 1.41 2.15 -8.29
N THR A 222 1.44 3.44 -8.62
CA THR A 222 2.59 4.30 -8.38
C THR A 222 2.28 5.24 -7.23
N CYS A 223 3.23 5.40 -6.31
CA CYS A 223 3.04 6.23 -5.14
C CYS A 223 4.26 7.11 -4.93
N VAL A 224 4.01 8.33 -4.44
CA VAL A 224 5.06 9.32 -4.20
C VAL A 224 4.97 9.79 -2.75
N ILE A 225 6.14 9.99 -2.14
CA ILE A 225 6.25 10.54 -0.78
C ILE A 225 7.03 11.83 -0.88
N ARG A 226 6.41 12.93 -0.45
CA ARG A 226 7.01 14.25 -0.50
C ARG A 226 7.28 14.78 0.91
N ASN A 227 8.34 15.58 1.03
CA ASN A 227 8.73 16.22 2.29
C ASN A 227 9.13 15.18 3.35
N CYS A 228 9.65 14.04 2.92
CA CYS A 228 10.11 13.05 3.88
C CYS A 228 11.34 13.57 4.61
N PRO A 229 11.40 13.46 5.94
CA PRO A 229 12.56 13.95 6.66
C PRO A 229 13.81 13.19 6.26
N VAL A 230 14.94 13.90 6.28
CA VAL A 230 16.22 13.31 5.94
C VAL A 230 16.70 12.43 7.09
N GLY A 231 17.36 11.33 6.75
CA GLY A 231 17.97 10.46 7.74
C GLY A 231 17.17 9.23 8.12
N LEU A 232 16.07 8.94 7.43
CA LEU A 232 15.22 7.82 7.77
C LEU A 232 15.70 6.55 7.07
N GLY A 233 15.71 5.44 7.81
CA GLY A 233 16.23 4.19 7.32
C GLY A 233 17.25 3.59 8.25
N GLU A 234 17.24 2.28 8.41
CA GLU A 234 18.11 1.59 9.38
C GLU A 234 18.91 0.51 8.67
N PRO A 235 20.05 0.87 8.07
CA PRO A 235 20.94 -0.15 7.51
C PRO A 235 21.40 -1.12 8.58
N CYS A 236 21.78 -2.33 8.16
CA CYS A 236 21.91 -2.70 6.75
C CYS A 236 20.71 -3.47 6.20
N PHE A 237 19.87 -3.99 7.09
CA PHE A 237 18.72 -4.79 6.68
C PHE A 237 17.42 -4.00 6.65
N ASP A 238 17.21 -3.08 7.60
CA ASP A 238 15.99 -2.28 7.65
C ASP A 238 16.13 -0.95 6.93
N LYS A 239 16.83 -0.95 5.79
CA LYS A 239 16.90 0.24 4.96
C LYS A 239 15.50 0.68 4.54
N LEU A 240 15.35 1.98 4.30
CA LEU A 240 14.04 2.55 4.00
C LEU A 240 13.38 1.84 2.82
N GLU A 241 14.11 1.72 1.70
CA GLU A 241 13.55 1.05 0.53
C GLU A 241 13.33 -0.44 0.75
N ALA A 242 14.03 -1.03 1.73
CA ALA A 242 13.81 -2.43 2.06
C ALA A 242 12.55 -2.61 2.90
N THR A 243 12.34 -1.73 3.88
CA THR A 243 11.10 -1.79 4.66
C THR A 243 9.89 -1.46 3.80
N LEU A 244 10.04 -0.55 2.84
CA LEU A 244 8.95 -0.21 1.93
C LEU A 244 8.63 -1.39 1.02
N ALA A 245 9.65 -2.04 0.46
CA ALA A 245 9.41 -3.24 -0.34
C ALA A 245 8.76 -4.33 0.49
N HIS A 246 9.26 -4.55 1.71
CA HIS A 246 8.63 -5.50 2.62
C HIS A 246 7.16 -5.16 2.83
N ALA A 247 6.87 -3.87 3.03
CA ALA A 247 5.50 -3.45 3.29
C ALA A 247 4.60 -3.68 2.09
N MET A 248 5.09 -3.37 0.89
CA MET A 248 4.21 -3.47 -0.28
C MET A 248 4.08 -4.90 -0.77
N MET A 249 5.17 -5.68 -0.73
CA MET A 249 5.11 -7.05 -1.19
C MET A 249 4.34 -7.96 -0.23
N SER A 250 4.04 -7.49 0.98
CA SER A 250 3.18 -8.23 1.89
C SER A 250 1.70 -8.01 1.60
N LEU A 251 1.36 -7.09 0.71
CA LEU A 251 -0.02 -6.87 0.36
C LEU A 251 -0.53 -8.02 -0.51
N PRO A 252 -1.84 -8.26 -0.49
CA PRO A 252 -2.40 -9.30 -1.36
C PRO A 252 -2.17 -8.98 -2.83
N ALA A 253 -1.84 -10.02 -3.61
CA ALA A 253 -1.75 -10.00 -5.06
C ALA A 253 -0.59 -9.19 -5.61
N THR A 254 0.30 -8.67 -4.76
CA THR A 254 1.45 -7.94 -5.26
C THR A 254 2.50 -8.90 -5.81
N LYS A 255 3.06 -8.56 -6.96
CA LYS A 255 4.04 -9.40 -7.63
C LYS A 255 5.39 -8.74 -7.83
N GLY A 256 5.54 -7.47 -7.51
CA GLY A 256 6.80 -6.80 -7.73
C GLY A 256 6.82 -5.41 -7.10
N PHE A 257 8.03 -4.92 -6.89
CA PHE A 257 8.25 -3.60 -6.30
C PHE A 257 9.52 -3.02 -6.87
N GLU A 258 9.46 -1.73 -7.23
CA GLU A 258 10.63 -1.00 -7.68
C GLU A 258 10.49 0.45 -7.26
N PHE A 259 11.62 1.12 -7.05
CA PHE A 259 11.62 2.51 -6.67
C PHE A 259 12.71 3.25 -7.42
N GLY A 260 12.55 4.57 -7.51
CA GLY A 260 13.51 5.37 -8.25
C GLY A 260 13.51 5.01 -9.72
N SER A 261 14.71 4.89 -10.29
CA SER A 261 14.81 4.48 -11.69
C SER A 261 14.34 3.04 -11.90
N GLY A 262 14.33 2.22 -10.85
CA GLY A 262 13.76 0.89 -10.93
C GLY A 262 14.50 -0.03 -11.89
N PHE A 263 13.75 -0.97 -12.47
CA PHE A 263 14.33 -1.93 -13.39
C PHE A 263 14.83 -1.25 -14.66
N ALA A 264 14.06 -0.32 -15.22
CA ALA A 264 14.45 0.35 -16.46
C ALA A 264 15.67 1.24 -16.28
N GLY A 265 15.96 1.67 -15.05
CA GLY A 265 17.13 2.50 -14.81
C GLY A 265 18.44 1.78 -14.98
N THR A 266 18.43 0.44 -14.91
CA THR A 266 19.64 -0.33 -15.10
C THR A 266 20.22 -0.19 -16.50
N ARG A 267 19.44 0.33 -17.45
CA ARG A 267 19.90 0.55 -18.81
C ARG A 267 20.60 1.90 -18.99
N ILE A 268 20.63 2.73 -17.97
CA ILE A 268 21.20 4.08 -18.05
C ILE A 268 22.60 4.05 -17.43
N PRO A 269 23.62 4.56 -18.12
CA PRO A 269 24.97 4.55 -17.55
C PRO A 269 25.09 5.50 -16.37
N GLY A 270 26.10 5.25 -15.54
CA GLY A 270 26.28 6.03 -14.34
C GLY A 270 26.50 7.51 -14.58
N SER A 271 27.11 7.85 -15.71
CA SER A 271 27.34 9.26 -16.04
C SER A 271 26.03 10.04 -16.17
N LYS A 272 24.97 9.38 -16.62
CA LYS A 272 23.65 9.98 -16.71
C LYS A 272 22.74 9.58 -15.56
N HIS A 273 22.92 8.38 -15.02
CA HIS A 273 22.06 7.92 -13.94
C HIS A 273 22.37 8.59 -12.61
N ASN A 274 23.61 9.02 -12.41
CA ASN A 274 24.00 9.63 -11.15
C ASN A 274 23.27 10.95 -10.93
N ASP A 275 22.95 11.23 -9.66
CA ASP A 275 22.23 12.44 -9.30
C ASP A 275 23.20 13.46 -8.72
N PRO A 276 23.55 14.51 -9.45
CA PRO A 276 24.44 15.53 -8.89
C PRO A 276 23.77 16.34 -7.81
N PHE A 277 24.58 16.87 -6.90
CA PHE A 277 24.10 17.70 -5.81
C PHE A 277 24.13 19.18 -6.18
N TYR A 278 23.34 19.97 -5.45
CA TYR A 278 23.25 21.41 -5.65
C TYR A 278 22.51 22.01 -4.45
N PHE A 279 22.86 23.24 -4.10
CA PHE A 279 22.19 23.91 -2.99
C PHE A 279 20.84 24.45 -3.45
N SER A 280 19.80 24.14 -2.68
CA SER A 280 18.42 24.39 -3.11
C SER A 280 18.21 25.86 -3.48
N GLU A 281 17.25 26.07 -4.38
CA GLU A 281 16.97 27.43 -4.85
C GLU A 281 16.32 28.28 -3.77
N GLU A 282 15.58 27.66 -2.85
CA GLU A 282 15.12 28.37 -1.66
C GLU A 282 16.25 28.66 -0.69
N ASP A 283 17.42 28.06 -0.90
CA ASP A 283 18.64 28.36 -0.15
C ASP A 283 18.52 28.00 1.32
N GLN A 284 18.47 26.70 1.62
CA GLN A 284 18.50 26.25 3.00
C GLN A 284 19.16 24.88 3.14
N ARG A 285 19.34 24.16 2.03
CA ARG A 285 19.77 22.77 2.12
C ARG A 285 20.41 22.35 0.81
N LEU A 286 21.21 21.28 0.89
CA LEU A 286 21.78 20.63 -0.29
C LEU A 286 20.76 19.64 -0.85
N ARG A 287 20.38 19.84 -2.10
CA ARG A 287 19.44 18.97 -2.80
C ARG A 287 20.18 18.27 -3.95
N THR A 288 19.42 17.49 -4.72
CA THR A 288 19.96 16.80 -5.89
C THR A 288 19.31 17.35 -7.15
N LYS A 289 20.09 17.41 -8.24
CA LYS A 289 19.56 17.91 -9.51
C LYS A 289 18.51 16.97 -10.07
N THR A 290 18.85 15.68 -10.18
CA THR A 290 17.93 14.64 -10.59
C THR A 290 17.65 13.72 -9.42
N ASN A 291 16.59 12.91 -9.55
CA ASN A 291 16.17 12.01 -8.48
C ASN A 291 16.04 10.59 -9.00
N ASN A 292 17.08 10.11 -9.68
CA ASN A 292 17.09 8.70 -10.08
C ASN A 292 17.22 7.78 -8.87
N SER A 293 17.83 8.26 -7.79
CA SER A 293 17.95 7.45 -6.59
C SER A 293 16.60 7.20 -5.92
N GLY A 294 15.58 7.98 -6.27
CA GLY A 294 14.27 7.82 -5.65
C GLY A 294 14.19 8.31 -4.22
N GLY A 295 14.99 9.32 -3.86
CA GLY A 295 14.94 9.89 -2.54
C GLY A 295 15.61 9.07 -1.45
N VAL A 296 16.24 7.95 -1.81
CA VAL A 296 16.93 7.08 -0.86
C VAL A 296 18.32 6.79 -1.41
N GLN A 297 19.34 6.92 -0.57
CA GLN A 297 20.72 6.67 -0.98
C GLN A 297 21.43 5.94 0.16
N GLY A 298 21.95 4.76 -0.15
CA GLY A 298 22.50 3.91 0.90
C GLY A 298 21.48 3.45 1.92
N GLY A 299 20.21 3.39 1.54
CA GLY A 299 19.16 3.00 2.45
C GLY A 299 18.65 4.11 3.35
N ILE A 300 19.04 5.35 3.08
CA ILE A 300 18.70 6.49 3.91
C ILE A 300 18.03 7.56 3.05
N SER A 301 16.94 8.11 3.55
CA SER A 301 16.23 9.19 2.84
C SER A 301 17.08 10.45 2.82
N ASN A 302 17.09 11.13 1.68
CA ASN A 302 17.82 12.38 1.51
C ASN A 302 16.91 13.59 1.41
N GLY A 303 15.62 13.42 1.69
CA GLY A 303 14.67 14.51 1.61
C GLY A 303 14.02 14.70 0.25
N GLU A 304 14.54 14.05 -0.79
CA GLU A 304 13.92 14.16 -2.11
C GLU A 304 12.66 13.31 -2.18
N ASN A 305 11.94 13.46 -3.29
CA ASN A 305 10.71 12.70 -3.50
C ASN A 305 11.01 11.20 -3.56
N ILE A 306 10.23 10.42 -2.83
CA ILE A 306 10.34 8.96 -2.84
C ILE A 306 9.17 8.43 -3.67
N TYR A 307 9.48 7.87 -4.83
CA TYR A 307 8.46 7.34 -5.72
C TYR A 307 8.75 5.89 -6.03
N PHE A 308 7.69 5.08 -6.09
CA PHE A 308 7.83 3.65 -6.33
C PHE A 308 6.56 3.14 -6.97
N SER A 309 6.69 2.00 -7.66
CA SER A 309 5.58 1.34 -8.31
C SER A 309 5.44 -0.08 -7.79
N VAL A 310 4.20 -0.54 -7.65
CA VAL A 310 3.89 -1.87 -7.13
C VAL A 310 3.00 -2.58 -8.14
N ALA A 311 3.40 -3.81 -8.50
CA ALA A 311 2.67 -4.60 -9.48
C ALA A 311 1.65 -5.50 -8.80
N PHE A 312 0.39 -5.39 -9.21
CA PHE A 312 -0.70 -6.21 -8.69
C PHE A 312 -1.16 -7.16 -9.78
N LYS A 313 -1.15 -8.45 -9.47
CA LYS A 313 -1.53 -9.44 -10.47
C LYS A 313 -3.03 -9.38 -10.76
N SER A 314 -3.42 -10.01 -11.86
CA SER A 314 -4.82 -10.14 -12.18
C SER A 314 -5.51 -11.03 -11.16
N ALA A 315 -6.74 -10.67 -10.80
CA ALA A 315 -7.48 -11.39 -9.78
C ALA A 315 -7.68 -12.85 -10.18
N ALA A 316 -7.40 -13.76 -9.26
CA ALA A 316 -7.58 -15.19 -9.54
C ALA A 316 -9.06 -15.54 -9.65
N THR A 317 -9.91 -14.89 -8.87
CA THR A 317 -11.35 -15.15 -8.90
C THR A 317 -11.93 -14.53 -10.18
N ILE A 318 -12.09 -15.36 -11.20
CA ILE A 318 -12.65 -14.92 -12.47
C ILE A 318 -14.07 -15.46 -12.59
N SER A 319 -14.91 -14.71 -13.31
CA SER A 319 -16.28 -15.13 -13.57
C SER A 319 -16.32 -16.09 -14.75
N GLN A 320 -15.41 -17.07 -14.76
CA GLN A 320 -15.21 -17.94 -15.90
C GLN A 320 -14.99 -19.37 -15.41
N GLU A 321 -15.08 -20.31 -16.36
CA GLU A 321 -14.85 -21.71 -16.09
C GLU A 321 -13.36 -22.03 -16.21
N GLN A 322 -12.87 -22.91 -15.34
CA GLN A 322 -11.47 -23.30 -15.33
C GLN A 322 -11.36 -24.81 -15.18
N GLU A 323 -10.39 -25.39 -15.88
CA GLU A 323 -10.08 -26.82 -15.74
C GLU A 323 -9.01 -26.97 -14.66
N THR A 324 -9.40 -27.59 -13.54
CA THR A 324 -8.50 -27.73 -12.39
C THR A 324 -8.73 -29.09 -11.75
N SER A 325 -7.74 -29.53 -10.98
CA SER A 325 -7.83 -30.78 -10.24
C SER A 325 -8.34 -30.52 -8.83
N THR A 326 -9.04 -31.50 -8.27
CA THR A 326 -9.65 -31.38 -6.95
C THR A 326 -8.59 -31.48 -5.86
N TYR A 327 -9.03 -31.35 -4.61
CA TYR A 327 -8.19 -31.78 -3.49
C TYR A 327 -7.98 -33.29 -3.53
N ASP A 328 -9.04 -34.05 -3.79
CA ASP A 328 -8.93 -35.45 -4.16
C ASP A 328 -8.13 -35.64 -5.43
N GLY A 329 -7.88 -34.56 -6.17
CA GLY A 329 -6.96 -34.52 -7.30
C GLY A 329 -7.48 -35.32 -8.50
N LYS A 330 -8.68 -34.98 -8.96
CA LYS A 330 -9.21 -35.52 -10.20
C LYS A 330 -9.58 -34.35 -11.11
N ASP A 331 -9.28 -34.50 -12.39
CA ASP A 331 -9.50 -33.42 -13.34
C ASP A 331 -10.99 -33.11 -13.47
N GLY A 332 -11.32 -31.82 -13.39
CA GLY A 332 -12.70 -31.40 -13.49
C GLY A 332 -12.78 -29.95 -13.91
N VAL A 333 -14.01 -29.43 -13.90
CA VAL A 333 -14.30 -28.07 -14.33
C VAL A 333 -14.79 -27.28 -13.13
N LEU A 334 -14.07 -26.23 -12.77
CA LEU A 334 -14.51 -25.29 -11.73
C LEU A 334 -15.50 -24.33 -12.36
N ALA A 335 -16.76 -24.39 -11.93
CA ALA A 335 -17.81 -23.61 -12.55
C ALA A 335 -17.57 -22.11 -12.35
N ALA A 336 -18.03 -21.32 -13.31
CA ALA A 336 -17.91 -19.88 -13.23
C ALA A 336 -18.77 -19.34 -12.09
N ARG A 337 -18.14 -18.60 -11.17
CA ARG A 337 -18.91 -18.01 -10.08
C ARG A 337 -19.75 -16.83 -10.59
N GLY A 338 -19.15 -16.08 -11.52
CA GLY A 338 -19.78 -14.96 -12.21
C GLY A 338 -20.41 -13.75 -11.55
N ARG A 339 -19.65 -13.07 -10.70
CA ARG A 339 -20.13 -11.88 -10.00
C ARG A 339 -19.04 -10.88 -9.64
N HIS A 340 -17.86 -10.97 -10.26
CA HIS A 340 -16.71 -10.23 -9.77
C HIS A 340 -16.25 -9.17 -10.77
N ASP A 341 -15.73 -8.07 -10.22
CA ASP A 341 -15.20 -6.93 -10.98
C ASP A 341 -13.83 -7.29 -11.56
N PRO A 342 -13.54 -6.87 -12.79
CA PRO A 342 -12.32 -7.34 -13.47
C PRO A 342 -11.05 -6.56 -13.13
N SER A 343 -11.12 -5.45 -12.41
CA SER A 343 -9.93 -4.65 -12.10
C SER A 343 -10.05 -4.09 -10.69
N VAL A 344 -9.40 -4.75 -9.73
CA VAL A 344 -9.40 -4.31 -8.34
C VAL A 344 -8.14 -3.55 -7.97
N THR A 345 -7.25 -3.30 -8.93
CA THR A 345 -6.04 -2.54 -8.62
C THR A 345 -6.30 -1.15 -8.05
N PRO A 346 -7.25 -0.36 -8.56
CA PRO A 346 -7.50 0.96 -7.93
C PRO A 346 -7.98 0.87 -6.49
N ARG A 347 -8.45 -0.29 -6.04
CA ARG A 347 -8.83 -0.43 -4.63
C ARG A 347 -7.63 -0.58 -3.71
N ALA A 348 -6.43 -0.72 -4.25
CA ALA A 348 -5.22 -0.84 -3.44
C ALA A 348 -4.48 0.49 -3.28
N VAL A 349 -4.97 1.56 -3.91
CA VAL A 349 -4.31 2.86 -3.77
C VAL A 349 -4.26 3.32 -2.32
N PRO A 350 -5.37 3.32 -1.55
CA PRO A 350 -5.25 3.73 -0.14
C PRO A 350 -4.45 2.76 0.71
N ILE A 351 -4.45 1.47 0.36
CA ILE A 351 -3.67 0.51 1.13
C ILE A 351 -2.18 0.73 0.92
N VAL A 352 -1.78 1.07 -0.31
CA VAL A 352 -0.38 1.41 -0.57
C VAL A 352 0.01 2.67 0.20
N GLU A 353 -0.86 3.68 0.19
CA GLU A 353 -0.58 4.89 0.97
C GLU A 353 -0.47 4.57 2.45
N SER A 354 -1.41 3.78 2.98
CA SER A 354 -1.38 3.45 4.40
C SER A 354 -0.13 2.65 4.74
N MET A 355 0.28 1.75 3.85
CA MET A 355 1.47 0.94 4.10
C MET A 355 2.73 1.79 4.11
N ALA A 356 2.79 2.82 3.25
CA ALA A 356 3.96 3.69 3.22
C ALA A 356 4.04 4.54 4.48
N ALA A 357 2.91 4.99 5.02
CA ALA A 357 2.93 5.82 6.20
C ALA A 357 3.41 5.04 7.42
N LEU A 358 3.04 3.75 7.52
CA LEU A 358 3.47 2.94 8.64
C LEU A 358 4.98 2.79 8.68
N VAL A 359 5.59 2.59 7.51
CA VAL A 359 7.04 2.47 7.44
C VAL A 359 7.71 3.79 7.84
N LEU A 360 7.22 4.90 7.30
CA LEU A 360 7.88 6.19 7.49
C LEU A 360 7.85 6.62 8.95
N VAL A 361 6.71 6.47 9.63
CA VAL A 361 6.62 6.93 11.01
C VAL A 361 7.48 6.06 11.91
N ASP A 362 7.66 4.78 11.57
CA ASP A 362 8.52 3.91 12.35
C ASP A 362 9.99 4.32 12.19
N GLN A 363 10.42 4.58 10.95
CA GLN A 363 11.79 5.00 10.72
C GLN A 363 12.06 6.39 11.29
N LEU A 364 11.04 7.26 11.29
CA LEU A 364 11.22 8.60 11.84
C LEU A 364 11.45 8.56 13.34
N LEU A 365 10.69 7.72 14.05
CA LEU A 365 10.84 7.64 15.51
C LEU A 365 12.18 7.03 15.88
N ILE A 366 12.61 5.99 15.15
CA ILE A 366 13.92 5.38 15.41
C ILE A 366 15.02 6.39 15.17
N GLN A 367 14.93 7.13 14.06
CA GLN A 367 15.99 8.08 13.72
C GLN A 367 16.04 9.23 14.73
N LYS A 368 14.88 9.72 15.17
CA LYS A 368 14.86 10.80 16.14
C LYS A 368 15.43 10.34 17.48
N SER A 369 15.31 9.05 17.81
CA SER A 369 15.98 8.53 18.99
C SER A 369 17.49 8.62 18.84
N ARG A 370 18.00 8.37 17.64
CA ARG A 370 19.42 8.56 17.37
C ARG A 370 19.81 10.03 17.37
N GLU A 371 18.92 10.91 16.93
CA GLU A 371 19.21 12.33 16.95
C GLU A 371 19.33 12.86 18.37
N TYR A 372 18.55 12.31 19.31
CA TYR A 372 18.74 12.65 20.71
C TYR A 372 20.09 12.15 21.20
N GLY A 373 20.39 10.87 20.98
CA GLY A 373 21.67 10.32 21.42
C GLY A 373 22.84 11.03 20.80
N LYS A 374 22.71 11.42 19.53
CA LYS A 374 23.76 12.20 18.88
C LYS A 374 23.95 13.56 19.56
N SER A 375 22.90 14.09 20.18
CA SER A 375 22.98 15.40 20.80
C SER A 375 23.55 15.36 22.21
N ILE A 376 23.49 14.22 22.90
CA ILE A 376 24.00 14.14 24.27
C ILE A 376 25.44 13.66 24.31
N VAL A 377 25.83 12.73 23.42
CA VAL A 377 27.21 12.28 23.38
C VAL A 377 28.14 13.28 22.71
N ALA A 378 27.59 14.26 22.01
CA ALA A 378 28.39 15.29 21.37
C ALA A 378 29.00 16.22 22.41
S SO4 B . -1.64 -13.62 -3.26
O1 SO4 B . -2.81 -14.00 -2.47
O2 SO4 B . -0.76 -14.78 -3.41
O3 SO4 B . -0.93 -12.54 -2.59
O4 SO4 B . -2.08 -13.18 -4.57
CL CL C . -13.51 -6.16 1.96
CL CL D . 8.44 -7.98 17.86
#